data_8OIU
#
_entry.id   8OIU
#
_entity_poly.entity_id   1
_entity_poly.type   'polypeptide(L)'
_entity_poly.pdbx_seq_one_letter_code
;MLYRGLRMAARAAPKFAVLNTHAALRQLPLQFQHVRTYADKIIKVPQMAESITEGTLKQWNKAVGDYVEADEEIATIETD
KIDVAVNAPEAGVIKEFFVNEEDTVLVGQDLVRLEVGGEKPAEAAKEQPKAAAPEPKVEEKKVPEAPAPEPSKTAAPAPA
PPKQEAPASPKPASKPAETPAVTLGNREERRVKMNRMRLRIAERLKQSQNTAASLTTFNEVDMSALIEFRNKYKDEVLKK
TGVKLGFMSAFSRAVVLAIRDLPVVNASIEGPNGGDTIVYRDYVDISVAVATEKGLVTPVVRNAETMDLITIEKTIAELG
KKARDGKLTIEDMAGGTFTISNGGVFGSLMGTPIINLPQSAVLGLHAIKERPVAVNGKVEIRPMMYLALTYDHRLLDGRE
AVQFLVKVKEYIEDPRKMLL
;
_entity_poly.pdbx_strand_id   A
#
# COMPACT_ATOMS: atom_id res chain seq x y z
N GLU A 188 -31.09 -26.39 9.23
CA GLU A 188 -29.71 -26.63 8.82
C GLU A 188 -28.93 -25.33 8.81
N GLU A 189 -29.63 -24.22 9.02
CA GLU A 189 -29.04 -22.88 9.00
C GLU A 189 -29.50 -22.11 10.24
N ARG A 190 -28.52 -21.42 10.82
CA ARG A 190 -28.73 -20.69 12.09
C ARG A 190 -28.97 -19.20 11.86
N ARG A 191 -29.74 -18.56 12.74
CA ARG A 191 -30.10 -17.16 12.56
C ARG A 191 -29.13 -16.32 13.39
N VAL A 192 -28.24 -15.61 12.71
CA VAL A 192 -27.28 -14.75 13.39
C VAL A 192 -27.36 -13.33 12.82
N LYS A 193 -27.44 -12.36 13.71
CA LYS A 193 -27.44 -10.95 13.38
C LYS A 193 -25.99 -10.49 13.18
N MET A 194 -25.79 -9.18 13.12
CA MET A 194 -24.46 -8.63 12.96
C MET A 194 -24.15 -7.59 14.03
N ASN A 195 -23.02 -6.93 13.83
CA ASN A 195 -22.60 -5.81 14.65
C ASN A 195 -22.63 -4.52 13.83
N ARG A 196 -22.54 -3.40 14.54
CA ARG A 196 -22.63 -2.09 13.87
C ARG A 196 -21.48 -1.89 12.90
N MET A 197 -20.26 -2.29 13.27
CA MET A 197 -19.11 -2.06 12.41
C MET A 197 -19.22 -2.86 11.12
N ARG A 198 -19.82 -4.05 11.16
CA ARG A 198 -20.01 -4.81 9.93
C ARG A 198 -20.96 -4.10 8.98
N LEU A 199 -22.08 -3.58 9.49
CA LEU A 199 -23.00 -2.84 8.64
C LEU A 199 -22.34 -1.60 8.07
N ARG A 200 -21.59 -0.88 8.91
CA ARG A 200 -20.94 0.34 8.44
C ARG A 200 -19.87 0.05 7.39
N ILE A 201 -19.08 -1.02 7.56
CA ILE A 201 -18.05 -1.33 6.57
C ILE A 201 -18.70 -1.79 5.27
N ALA A 202 -19.80 -2.54 5.36
CA ALA A 202 -20.51 -2.92 4.15
C ALA A 202 -21.04 -1.70 3.40
N GLU A 203 -21.64 -0.76 4.14
CA GLU A 203 -22.22 0.42 3.50
C GLU A 203 -21.12 1.28 2.88
N ARG A 204 -20.04 1.53 3.61
CA ARG A 204 -18.97 2.36 3.08
C ARG A 204 -18.17 1.68 1.98
N LEU A 205 -18.12 0.35 1.97
CA LEU A 205 -17.49 -0.38 0.87
C LEU A 205 -18.34 -0.33 -0.39
N LYS A 206 -19.66 -0.46 -0.25
CA LYS A 206 -20.52 -0.27 -1.41
C LYS A 206 -20.45 1.17 -1.91
N GLN A 207 -20.37 2.15 -1.00
CA GLN A 207 -20.24 3.53 -1.42
C GLN A 207 -18.91 3.79 -2.11
N SER A 208 -17.85 3.08 -1.71
CA SER A 208 -16.54 3.22 -2.35
C SER A 208 -16.46 2.55 -3.71
N GLN A 209 -17.59 2.08 -4.25
CA GLN A 209 -17.58 1.44 -5.56
C GLN A 209 -18.55 2.05 -6.56
N ASN A 210 -19.67 2.62 -6.12
CA ASN A 210 -20.63 3.26 -7.02
C ASN A 210 -20.37 4.76 -7.17
N THR A 211 -19.30 5.26 -6.55
CA THR A 211 -18.94 6.66 -6.66
C THR A 211 -17.49 6.83 -7.06
N ALA A 212 -16.90 5.77 -7.63
CA ALA A 212 -15.50 5.82 -8.04
C ALA A 212 -15.26 4.73 -9.07
N ALA A 213 -14.81 5.12 -10.26
CA ALA A 213 -14.52 4.17 -11.33
C ALA A 213 -13.22 3.45 -11.01
N SER A 214 -13.31 2.16 -10.70
CA SER A 214 -12.17 1.38 -10.25
C SER A 214 -11.59 0.61 -11.41
N LEU A 215 -10.29 0.77 -11.65
CA LEU A 215 -9.56 0.04 -12.66
C LEU A 215 -8.26 -0.47 -12.06
N THR A 216 -7.89 -1.71 -12.39
CA THR A 216 -6.75 -2.37 -11.77
C THR A 216 -5.70 -2.68 -12.83
N THR A 217 -4.44 -2.41 -12.44
CA THR A 217 -3.31 -2.73 -13.33
C THR A 217 -2.32 -3.59 -12.56
N PHE A 218 -1.68 -4.52 -13.26
CA PHE A 218 -0.69 -5.41 -12.66
C PHE A 218 0.67 -5.21 -13.31
N ASN A 219 1.72 -5.66 -12.61
CA ASN A 219 3.06 -5.68 -13.18
C ASN A 219 3.90 -6.69 -12.42
N GLU A 220 5.04 -7.03 -13.02
CA GLU A 220 5.95 -8.01 -12.45
C GLU A 220 7.24 -7.33 -12.04
N VAL A 221 7.72 -7.66 -10.84
CA VAL A 221 8.92 -7.03 -10.31
C VAL A 221 9.87 -8.07 -9.70
N ASP A 222 11.11 -8.10 -10.19
CA ASP A 222 12.12 -8.94 -9.56
C ASP A 222 12.50 -8.34 -8.21
N MET A 223 12.75 -9.22 -7.24
CA MET A 223 12.80 -8.78 -5.84
C MET A 223 14.00 -9.34 -5.09
N SER A 224 14.92 -10.02 -5.77
CA SER A 224 16.04 -10.67 -5.09
C SER A 224 16.96 -9.64 -4.41
N ALA A 225 17.22 -8.53 -5.09
CA ALA A 225 18.08 -7.50 -4.51
C ALA A 225 17.49 -6.97 -3.23
N LEU A 226 16.17 -6.75 -3.21
CA LEU A 226 15.51 -6.35 -1.98
C LEU A 226 15.68 -7.40 -0.88
N ILE A 227 15.66 -8.68 -1.25
CA ILE A 227 15.80 -9.73 -0.24
C ILE A 227 17.19 -9.70 0.39
N GLU A 228 18.23 -9.64 -0.43
CA GLU A 228 19.58 -9.63 0.13
C GLU A 228 19.83 -8.37 0.95
N PHE A 229 19.44 -7.21 0.40
CA PHE A 229 19.51 -5.96 1.15
C PHE A 229 18.82 -6.10 2.49
N ARG A 230 17.59 -6.62 2.48
CA ARG A 230 16.79 -6.66 3.70
C ARG A 230 17.42 -7.59 4.73
N ASN A 231 17.93 -8.75 4.32
CA ASN A 231 18.47 -9.65 5.35
C ASN A 231 19.75 -9.08 5.96
N LYS A 232 20.70 -8.67 5.11
CA LYS A 232 21.97 -8.19 5.64
C LYS A 232 21.77 -6.97 6.52
N TYR A 233 21.09 -5.96 6.00
CA TYR A 233 20.98 -4.77 6.82
C TYR A 233 19.82 -4.84 7.79
N LYS A 234 19.04 -5.92 7.76
CA LYS A 234 18.09 -6.19 8.83
C LYS A 234 18.82 -6.65 10.08
N ASP A 235 19.75 -7.59 9.93
CA ASP A 235 20.56 -7.94 11.09
C ASP A 235 21.40 -6.74 11.54
N GLU A 236 21.93 -5.98 10.58
CA GLU A 236 22.69 -4.78 10.94
C GLU A 236 21.84 -3.79 11.74
N VAL A 237 20.62 -3.51 11.28
CA VAL A 237 19.81 -2.48 11.91
C VAL A 237 19.19 -2.99 13.21
N LEU A 238 19.00 -4.31 13.32
CA LEU A 238 18.57 -4.87 14.59
C LEU A 238 19.66 -4.73 15.64
N LYS A 239 20.92 -4.92 15.22
CA LYS A 239 22.04 -4.63 16.11
C LYS A 239 22.08 -3.14 16.46
N LYS A 240 21.91 -2.26 15.48
CA LYS A 240 22.15 -0.84 15.68
C LYS A 240 21.01 -0.16 16.45
N THR A 241 19.81 -0.14 15.89
CA THR A 241 18.70 0.59 16.46
C THR A 241 17.62 -0.30 17.08
N GLY A 242 17.42 -1.51 16.56
CA GLY A 242 16.44 -2.41 17.12
C GLY A 242 15.10 -2.42 16.44
N VAL A 243 15.06 -2.35 15.11
CA VAL A 243 13.83 -2.44 14.36
C VAL A 243 13.98 -3.56 13.32
N LYS A 244 12.84 -4.13 12.94
CA LYS A 244 12.80 -5.25 12.00
C LYS A 244 12.64 -4.70 10.59
N LEU A 245 13.72 -4.73 9.82
CA LEU A 245 13.67 -4.30 8.43
C LEU A 245 12.77 -5.22 7.63
N GLY A 246 11.89 -4.64 6.82
CA GLY A 246 10.97 -5.41 6.01
C GLY A 246 10.74 -4.80 4.65
N PHE A 247 9.90 -5.44 3.83
CA PHE A 247 9.66 -4.95 2.48
C PHE A 247 8.72 -3.76 2.45
N MET A 248 7.82 -3.67 3.43
CA MET A 248 6.79 -2.63 3.41
C MET A 248 7.40 -1.23 3.49
N SER A 249 8.49 -1.08 4.22
CA SER A 249 9.17 0.22 4.27
C SER A 249 9.68 0.62 2.90
N ALA A 250 10.32 -0.31 2.19
CA ALA A 250 10.81 -0.02 0.84
C ALA A 250 9.67 0.33 -0.09
N PHE A 251 8.57 -0.44 -0.01
CA PHE A 251 7.44 -0.17 -0.88
C PHE A 251 6.82 1.19 -0.58
N SER A 252 6.70 1.54 0.70
CA SER A 252 6.15 2.84 1.07
C SER A 252 7.04 3.97 0.61
N ARG A 253 8.36 3.80 0.72
CA ARG A 253 9.27 4.85 0.26
C ARG A 253 9.21 5.03 -1.25
N ALA A 254 9.15 3.92 -1.99
CA ALA A 254 9.02 4.01 -3.45
C ALA A 254 7.70 4.68 -3.82
N VAL A 255 6.64 4.35 -3.10
CA VAL A 255 5.34 4.99 -3.33
C VAL A 255 5.44 6.49 -3.07
N VAL A 256 6.12 6.88 -2.00
CA VAL A 256 6.27 8.30 -1.68
C VAL A 256 7.01 9.02 -2.79
N LEU A 257 8.11 8.43 -3.27
CA LEU A 257 8.86 9.08 -4.35
C LEU A 257 8.04 9.19 -5.62
N ALA A 258 7.33 8.12 -5.99
CA ALA A 258 6.57 8.14 -7.23
C ALA A 258 5.36 9.07 -7.14
N ILE A 259 4.80 9.28 -5.96
CA ILE A 259 3.84 10.37 -5.78
C ILE A 259 4.51 11.73 -5.86
N ARG A 260 5.72 11.86 -5.33
CA ARG A 260 6.42 13.14 -5.39
C ARG A 260 6.68 13.55 -6.84
N ASP A 261 6.94 12.59 -7.72
CA ASP A 261 7.20 12.95 -9.11
C ASP A 261 5.93 12.97 -9.98
N LEU A 262 4.77 12.67 -9.37
CA LEU A 262 3.45 12.73 -10.09
C LEU A 262 2.40 13.02 -9.01
N PRO A 263 1.78 14.22 -8.95
CA PRO A 263 0.95 14.55 -7.78
C PRO A 263 -0.53 14.21 -7.90
N VAL A 264 -0.97 13.56 -8.98
CA VAL A 264 -2.39 13.29 -9.18
C VAL A 264 -2.86 12.07 -8.41
N VAL A 265 -1.97 11.21 -7.93
CA VAL A 265 -2.38 10.05 -7.15
C VAL A 265 -2.95 10.44 -5.79
N ASN A 266 -2.38 11.46 -5.14
CA ASN A 266 -2.86 11.94 -3.85
C ASN A 266 -4.07 12.86 -3.98
N ALA A 267 -4.74 12.88 -5.13
CA ALA A 267 -5.90 13.73 -5.34
C ALA A 267 -7.12 13.13 -4.66
N SER A 268 -8.19 13.93 -4.60
CA SER A 268 -9.44 13.47 -4.00
C SER A 268 -10.62 14.33 -4.46
N ILE A 269 -11.69 13.69 -4.92
CA ILE A 269 -12.91 14.38 -5.30
C ILE A 269 -13.75 14.61 -4.05
N GLU A 270 -13.55 15.73 -3.37
CA GLU A 270 -14.30 15.99 -2.15
C GLU A 270 -15.59 16.75 -2.38
N GLY A 271 -15.86 17.18 -3.61
CA GLY A 271 -17.07 17.91 -3.90
C GLY A 271 -18.31 17.06 -3.65
N PRO A 272 -19.36 17.68 -3.10
CA PRO A 272 -20.56 16.92 -2.75
C PRO A 272 -21.37 16.52 -3.96
N ASN A 273 -20.80 15.63 -4.79
CA ASN A 273 -21.45 15.07 -5.97
C ASN A 273 -21.54 16.14 -7.07
N GLY A 274 -21.18 17.37 -6.72
CA GLY A 274 -21.20 18.47 -7.67
C GLY A 274 -20.39 19.64 -7.17
N GLY A 275 -19.87 20.46 -8.09
CA GLY A 275 -18.98 21.54 -7.70
C GLY A 275 -17.73 21.02 -7.04
N ASP A 276 -17.11 20.01 -7.65
CA ASP A 276 -16.00 19.30 -7.04
C ASP A 276 -14.82 20.22 -6.83
N THR A 277 -13.92 19.83 -5.93
CA THR A 277 -12.80 20.69 -5.54
C THR A 277 -11.55 19.81 -5.46
N ILE A 278 -11.22 19.15 -6.57
CA ILE A 278 -10.09 18.20 -6.63
C ILE A 278 -8.89 18.72 -5.87
N VAL A 279 -8.30 17.87 -5.03
CA VAL A 279 -7.23 18.30 -4.15
C VAL A 279 -5.88 17.85 -4.72
N TYR A 280 -4.86 18.67 -4.49
CA TYR A 280 -3.48 18.27 -4.69
C TYR A 280 -2.70 18.58 -3.42
N ARG A 281 -2.13 17.52 -2.83
CA ARG A 281 -1.54 17.64 -1.50
C ARG A 281 -0.10 17.18 -1.56
N ASP A 282 0.78 17.96 -0.91
CA ASP A 282 2.18 17.59 -0.79
C ASP A 282 2.41 16.50 0.24
N TYR A 283 1.66 16.53 1.35
CA TYR A 283 1.83 15.54 2.41
C TYR A 283 1.18 14.23 2.03
N VAL A 284 1.84 13.12 2.35
CA VAL A 284 1.33 11.78 2.10
C VAL A 284 1.11 11.09 3.43
N ASP A 285 -0.05 10.45 3.59
CA ASP A 285 -0.48 9.84 4.85
C ASP A 285 -0.81 8.37 4.60
N ILE A 286 0.13 7.66 3.98
CA ILE A 286 -0.03 6.27 3.58
C ILE A 286 -0.68 5.45 4.68
N SER A 287 -1.70 4.67 4.32
CA SER A 287 -2.41 3.80 5.24
C SER A 287 -1.96 2.36 5.01
N VAL A 288 -1.57 1.69 6.09
CA VAL A 288 -1.13 0.31 6.04
C VAL A 288 -2.17 -0.55 6.76
N ALA A 289 -2.16 -1.84 6.45
CA ALA A 289 -3.13 -2.78 6.98
C ALA A 289 -2.44 -3.77 7.92
N VAL A 290 -3.05 -3.98 9.08
CA VAL A 290 -2.56 -4.94 10.07
C VAL A 290 -3.73 -5.84 10.46
N ALA A 291 -3.48 -7.14 10.52
CA ALA A 291 -4.52 -8.09 10.89
C ALA A 291 -4.78 -8.04 12.39
N THR A 292 -6.01 -8.39 12.77
CA THR A 292 -6.41 -8.39 14.17
C THR A 292 -7.60 -9.33 14.34
N GLU A 293 -8.07 -9.44 15.58
CA GLU A 293 -9.24 -10.26 15.88
C GLU A 293 -10.50 -9.72 15.23
N LYS A 294 -10.69 -8.40 15.20
CA LYS A 294 -11.88 -7.76 14.56
C LYS A 294 -11.87 -8.00 13.05
N GLY A 295 -10.69 -8.26 12.49
CA GLY A 295 -10.58 -8.40 11.05
C GLY A 295 -9.38 -7.65 10.50
N LEU A 296 -9.62 -6.69 9.62
CA LEU A 296 -8.56 -5.87 9.04
C LEU A 296 -8.60 -4.49 9.67
N VAL A 297 -7.43 -3.99 10.07
CA VAL A 297 -7.28 -2.68 10.67
C VAL A 297 -6.30 -1.87 9.82
N THR A 298 -6.70 -0.64 9.50
CA THR A 298 -5.92 0.21 8.61
C THR A 298 -5.59 1.52 9.31
N PRO A 299 -4.57 1.55 10.17
CA PRO A 299 -4.16 2.82 10.76
C PRO A 299 -3.15 3.54 9.88
N VAL A 300 -3.41 4.81 9.57
CA VAL A 300 -2.56 5.57 8.68
C VAL A 300 -1.34 6.04 9.44
N VAL A 301 -0.20 6.13 8.74
CA VAL A 301 0.96 6.81 9.29
C VAL A 301 0.77 8.29 8.98
N ARG A 302 1.39 9.16 9.78
CA ARG A 302 1.24 10.59 9.54
C ARG A 302 2.15 11.00 8.40
N ASN A 303 2.37 12.31 8.23
CA ASN A 303 3.11 12.83 7.09
C ASN A 303 4.42 12.08 6.89
N ALA A 304 4.52 11.37 5.77
CA ALA A 304 5.66 10.52 5.48
C ALA A 304 6.41 10.95 4.22
N GLU A 305 6.15 12.15 3.72
CA GLU A 305 6.87 12.62 2.54
C GLU A 305 8.33 12.90 2.87
N THR A 306 8.64 13.27 4.11
CA THR A 306 10.00 13.57 4.55
C THR A 306 10.32 12.67 5.73
N MET A 307 10.74 11.44 5.43
CA MET A 307 11.22 10.47 6.41
C MET A 307 11.74 9.27 5.67
N ASP A 308 12.77 8.64 6.22
CA ASP A 308 13.48 7.58 5.52
C ASP A 308 12.92 6.21 5.88
N LEU A 309 13.62 5.16 5.42
CA LEU A 309 13.15 3.79 5.65
C LEU A 309 13.15 3.44 7.13
N ILE A 310 14.15 3.90 7.87
CA ILE A 310 14.31 3.47 9.26
C ILE A 310 13.14 3.97 10.10
N THR A 311 12.80 5.26 9.98
CA THR A 311 11.68 5.78 10.75
C THR A 311 10.35 5.25 10.24
N ILE A 312 10.26 4.93 8.94
CA ILE A 312 9.05 4.29 8.42
C ILE A 312 8.84 2.95 9.11
N GLU A 313 9.91 2.14 9.20
CA GLU A 313 9.80 0.86 9.88
C GLU A 313 9.51 1.05 11.36
N LYS A 314 10.10 2.08 11.97
CA LYS A 314 9.85 2.33 13.39
C LYS A 314 8.38 2.66 13.63
N THR A 315 7.78 3.51 12.80
CA THR A 315 6.37 3.84 12.99
C THR A 315 5.47 2.67 12.61
N ILE A 316 5.90 1.83 11.66
CA ILE A 316 5.13 0.63 11.35
C ILE A 316 5.11 -0.31 12.55
N ALA A 317 6.26 -0.51 13.19
CA ALA A 317 6.32 -1.34 14.39
C ALA A 317 5.51 -0.73 15.52
N GLU A 318 5.54 0.60 15.65
CA GLU A 318 4.73 1.27 16.66
C GLU A 318 3.25 1.01 16.44
N LEU A 319 2.78 1.15 15.20
CA LEU A 319 1.39 0.87 14.88
C LEU A 319 1.07 -0.60 15.12
N GLY A 320 2.00 -1.49 14.78
CA GLY A 320 1.77 -2.91 15.00
C GLY A 320 1.59 -3.26 16.46
N LYS A 321 2.44 -2.70 17.33
CA LYS A 321 2.31 -2.98 18.76
C LYS A 321 1.08 -2.31 19.33
N LYS A 322 0.70 -1.14 18.81
CA LYS A 322 -0.53 -0.51 19.27
C LYS A 322 -1.76 -1.24 18.76
N ALA A 323 -1.60 -2.06 17.72
CA ALA A 323 -2.70 -2.86 17.21
C ALA A 323 -2.82 -4.18 17.95
N ARG A 324 -1.69 -4.81 18.28
CA ARG A 324 -1.72 -6.09 18.98
C ARG A 324 -2.37 -5.94 20.35
N ASP A 325 -1.90 -4.97 21.14
CA ASP A 325 -2.60 -4.57 22.37
C ASP A 325 -3.37 -3.32 22.01
N GLY A 326 -4.70 -3.43 22.02
CA GLY A 326 -5.53 -2.38 21.46
C GLY A 326 -5.52 -1.07 22.21
N LYS A 327 -4.84 -0.07 21.64
CA LYS A 327 -4.89 1.31 22.10
C LYS A 327 -5.19 2.27 20.95
N LEU A 328 -5.38 1.74 19.74
CA LEU A 328 -5.65 2.57 18.57
C LEU A 328 -7.02 3.22 18.67
N THR A 329 -7.04 4.53 18.91
CA THR A 329 -8.30 5.25 18.97
C THR A 329 -8.77 5.62 17.57
N ILE A 330 -9.84 6.42 17.51
CA ILE A 330 -10.48 6.74 16.23
C ILE A 330 -9.54 7.56 15.36
N GLU A 331 -8.86 8.56 15.94
CA GLU A 331 -8.04 9.45 15.13
C GLU A 331 -6.86 8.75 14.48
N ASP A 332 -6.44 7.59 15.01
CA ASP A 332 -5.38 6.83 14.37
C ASP A 332 -5.83 6.16 13.08
N MET A 333 -7.14 6.09 12.83
CA MET A 333 -7.67 5.54 11.60
C MET A 333 -8.22 6.59 10.64
N ALA A 334 -8.56 7.77 11.15
CA ALA A 334 -9.14 8.80 10.30
C ALA A 334 -8.11 9.36 9.34
N GLY A 335 -8.62 9.97 8.26
CA GLY A 335 -7.73 10.54 7.27
C GLY A 335 -7.08 9.48 6.39
N GLY A 336 -5.99 9.88 5.75
CA GLY A 336 -5.27 8.97 4.86
C GLY A 336 -5.49 9.39 3.42
N THR A 337 -4.40 9.42 2.66
CA THR A 337 -4.43 9.80 1.26
C THR A 337 -4.10 8.66 0.32
N PHE A 338 -3.15 7.80 0.69
CA PHE A 338 -2.82 6.60 -0.07
C PHE A 338 -3.14 5.39 0.79
N THR A 339 -2.91 4.20 0.24
CA THR A 339 -3.16 2.96 0.96
C THR A 339 -2.33 1.86 0.35
N ILE A 340 -1.59 1.14 1.19
CA ILE A 340 -0.86 -0.05 0.80
C ILE A 340 -1.42 -1.22 1.59
N SER A 341 -1.98 -2.21 0.88
CA SER A 341 -2.61 -3.38 1.50
C SER A 341 -1.72 -4.58 1.25
N ASN A 342 -1.32 -5.27 2.32
CA ASN A 342 -0.47 -6.43 2.19
C ASN A 342 -1.29 -7.70 2.20
N GLY A 343 -1.42 -8.33 1.02
CA GLY A 343 -2.02 -9.65 0.93
C GLY A 343 -0.94 -10.70 0.77
N GLY A 344 0.31 -10.30 1.02
CA GLY A 344 1.44 -11.17 0.81
C GLY A 344 1.68 -12.17 1.93
N VAL A 345 1.22 -11.83 3.14
CA VAL A 345 1.35 -12.76 4.26
C VAL A 345 0.54 -14.03 4.00
N PHE A 346 -0.57 -13.90 3.26
CA PHE A 346 -1.37 -15.04 2.87
C PHE A 346 -0.76 -15.69 1.64
N GLY A 347 -1.51 -16.57 0.98
CA GLY A 347 -1.00 -17.24 -0.20
C GLY A 347 -1.49 -16.65 -1.51
N SER A 348 -1.65 -15.33 -1.54
CA SER A 348 -2.17 -14.68 -2.73
C SER A 348 -1.15 -14.67 -3.86
N LEU A 349 -1.65 -14.57 -5.08
CA LEU A 349 -0.82 -14.39 -6.26
C LEU A 349 -1.11 -13.09 -7.01
N MET A 350 -2.39 -12.80 -7.23
CA MET A 350 -2.83 -11.51 -7.76
C MET A 350 -4.18 -11.19 -7.14
N GLY A 351 -4.81 -10.14 -7.60
CA GLY A 351 -6.11 -9.78 -7.08
C GLY A 351 -6.44 -8.32 -7.35
N THR A 352 -7.71 -7.99 -7.20
CA THR A 352 -8.20 -6.64 -7.46
C THR A 352 -8.53 -5.98 -6.13
N PRO A 353 -7.75 -5.01 -5.67
CA PRO A 353 -8.06 -4.31 -4.43
C PRO A 353 -9.19 -3.30 -4.65
N ILE A 354 -9.60 -2.66 -3.55
CA ILE A 354 -10.64 -1.64 -3.59
C ILE A 354 -10.04 -0.31 -3.14
N ILE A 355 -10.75 0.77 -3.46
CA ILE A 355 -10.36 2.09 -3.02
C ILE A 355 -10.86 2.31 -1.60
N ASN A 356 -10.34 3.34 -0.96
CA ASN A 356 -10.68 3.65 0.42
C ASN A 356 -11.28 5.04 0.55
N LEU A 357 -12.29 5.34 -0.28
CA LEU A 357 -12.88 6.67 -0.47
C LEU A 357 -12.96 7.44 0.84
N PRO A 358 -12.59 8.73 0.84
CA PRO A 358 -12.25 9.58 -0.31
C PRO A 358 -10.81 9.48 -0.81
N GLN A 359 -10.20 8.30 -0.84
CA GLN A 359 -8.88 8.13 -1.42
C GLN A 359 -9.00 8.00 -2.95
N SER A 360 -7.86 7.80 -3.61
CA SER A 360 -7.84 7.74 -5.06
C SER A 360 -7.02 6.59 -5.64
N ALA A 361 -6.26 5.86 -4.84
CA ALA A 361 -5.48 4.74 -5.34
C ALA A 361 -5.12 3.82 -4.19
N VAL A 362 -4.89 2.56 -4.52
CA VAL A 362 -4.55 1.52 -3.55
C VAL A 362 -3.59 0.55 -4.20
N LEU A 363 -2.46 0.31 -3.55
CA LEU A 363 -1.48 -0.65 -4.04
C LEU A 363 -1.73 -2.02 -3.43
N GLY A 364 -1.23 -3.05 -4.11
CA GLY A 364 -1.42 -4.42 -3.64
C GLY A 364 -0.16 -5.25 -3.66
N LEU A 365 0.18 -5.84 -2.52
CA LEU A 365 1.34 -6.72 -2.40
C LEU A 365 0.87 -8.17 -2.36
N HIS A 366 1.54 -9.01 -3.14
CA HIS A 366 0.97 -10.29 -3.54
C HIS A 366 1.97 -11.44 -3.40
N ALA A 367 2.64 -11.54 -2.25
CA ALA A 367 3.26 -12.80 -1.81
C ALA A 367 4.29 -13.31 -2.82
N ILE A 368 5.41 -12.59 -2.87
CA ILE A 368 6.52 -12.85 -3.79
C ILE A 368 6.78 -14.35 -3.91
N LYS A 369 7.05 -14.80 -5.14
CA LYS A 369 7.18 -16.23 -5.42
C LYS A 369 8.31 -16.43 -6.43
N GLU A 370 8.81 -17.67 -6.47
CA GLU A 370 9.89 -18.05 -7.37
C GLU A 370 9.28 -18.49 -8.70
N ARG A 371 9.56 -17.75 -9.76
CA ARG A 371 9.03 -18.02 -11.08
C ARG A 371 10.10 -17.81 -12.15
N PRO A 372 10.02 -18.51 -13.27
CA PRO A 372 11.01 -18.32 -14.34
C PRO A 372 10.94 -16.91 -14.92
N VAL A 373 12.10 -16.43 -15.37
CA VAL A 373 12.22 -15.05 -15.85
C VAL A 373 13.00 -15.05 -17.15
N ALA A 374 12.71 -14.07 -18.00
CA ALA A 374 13.50 -13.84 -19.20
C ALA A 374 14.45 -12.64 -18.99
N VAL A 375 15.37 -12.81 -18.05
CA VAL A 375 16.33 -11.76 -17.76
C VAL A 375 17.59 -11.98 -18.58
N ASN A 376 18.20 -10.88 -19.04
CA ASN A 376 19.46 -10.80 -19.77
C ASN A 376 19.68 -11.96 -20.72
N GLY A 377 18.63 -12.36 -21.45
CA GLY A 377 18.74 -13.36 -22.49
C GLY A 377 18.71 -14.79 -22.02
N LYS A 378 18.54 -15.05 -20.73
CA LYS A 378 18.52 -16.41 -20.22
C LYS A 378 17.33 -16.59 -19.29
N VAL A 379 16.99 -17.84 -19.02
CA VAL A 379 15.86 -18.18 -18.17
C VAL A 379 16.38 -18.82 -16.88
N GLU A 380 16.04 -18.22 -15.75
CA GLU A 380 16.41 -18.76 -14.45
C GLU A 380 15.37 -18.34 -13.42
N ILE A 381 15.41 -18.99 -12.26
CA ILE A 381 14.42 -18.75 -11.23
C ILE A 381 14.81 -17.52 -10.42
N ARG A 382 13.89 -16.57 -10.32
CA ARG A 382 14.06 -15.39 -9.49
C ARG A 382 12.78 -15.15 -8.69
N PRO A 383 12.91 -14.65 -7.46
CA PRO A 383 11.72 -14.42 -6.63
C PRO A 383 10.99 -13.15 -7.00
N MET A 384 10.16 -13.18 -8.04
CA MET A 384 9.42 -12.00 -8.44
C MET A 384 8.04 -11.95 -7.79
N MET A 385 7.35 -10.84 -8.04
CA MET A 385 6.18 -10.46 -7.28
C MET A 385 5.23 -9.69 -8.17
N TYR A 386 3.93 -9.85 -7.94
CA TYR A 386 2.93 -9.10 -8.68
C TYR A 386 2.52 -7.84 -7.93
N LEU A 387 1.81 -6.96 -8.62
CA LEU A 387 1.38 -5.69 -8.06
C LEU A 387 -0.02 -5.37 -8.57
N ALA A 388 -0.64 -4.37 -7.94
CA ALA A 388 -1.97 -3.94 -8.35
C ALA A 388 -2.15 -2.48 -8.01
N LEU A 389 -3.10 -1.84 -8.69
CA LEU A 389 -3.37 -0.43 -8.47
C LEU A 389 -4.81 -0.15 -8.90
N THR A 390 -5.68 0.08 -7.93
CA THR A 390 -7.08 0.38 -8.22
C THR A 390 -7.23 1.88 -8.42
N TYR A 391 -7.55 2.29 -9.65
CA TYR A 391 -7.62 3.70 -9.96
C TYR A 391 -8.89 4.31 -9.41
N ASP A 392 -9.00 5.62 -9.61
CA ASP A 392 -10.28 6.33 -9.57
C ASP A 392 -10.31 7.08 -10.91
N HIS A 393 -10.86 6.41 -11.94
CA HIS A 393 -10.66 6.87 -13.31
C HIS A 393 -11.27 8.24 -13.59
N ARG A 394 -12.12 8.74 -12.72
CA ARG A 394 -12.51 10.14 -12.82
C ARG A 394 -11.40 11.08 -12.38
N LEU A 395 -10.31 10.54 -11.82
CA LEU A 395 -9.10 11.31 -11.54
C LEU A 395 -7.90 10.79 -12.32
N LEU A 396 -7.61 9.49 -12.22
CA LEU A 396 -6.55 8.88 -13.00
C LEU A 396 -7.00 8.61 -14.43
N ASP A 397 -6.03 8.51 -15.34
CA ASP A 397 -6.33 8.30 -16.74
C ASP A 397 -5.66 7.06 -17.31
N GLY A 398 -5.19 6.15 -16.45
CA GLY A 398 -4.42 5.01 -16.93
C GLY A 398 -3.00 5.43 -17.26
N ARG A 399 -2.88 6.61 -17.84
CA ARG A 399 -1.52 7.16 -18.08
C ARG A 399 -0.86 7.44 -16.73
N GLU A 400 -1.45 8.30 -15.89
CA GLU A 400 -0.72 8.65 -14.69
C GLU A 400 -0.52 7.44 -13.80
N ALA A 401 -1.53 6.58 -13.70
CA ALA A 401 -1.44 5.42 -12.83
C ALA A 401 -0.42 4.42 -13.34
N VAL A 402 -0.33 4.24 -14.66
CA VAL A 402 0.60 3.28 -15.21
C VAL A 402 2.04 3.76 -15.04
N GLN A 403 2.31 5.04 -15.30
CA GLN A 403 3.66 5.52 -14.96
C GLN A 403 3.92 5.48 -13.46
N PHE A 404 2.91 5.73 -12.63
CA PHE A 404 3.05 5.57 -11.20
C PHE A 404 3.54 4.17 -10.85
N LEU A 405 2.83 3.16 -11.35
CA LEU A 405 3.15 1.79 -10.97
C LEU A 405 4.48 1.33 -11.56
N VAL A 406 4.78 1.74 -12.80
CA VAL A 406 6.05 1.33 -13.39
C VAL A 406 7.22 2.01 -12.68
N LYS A 407 7.02 3.25 -12.20
CA LYS A 407 8.08 3.92 -11.46
C LYS A 407 8.28 3.29 -10.09
N VAL A 408 7.19 2.89 -9.43
CA VAL A 408 7.30 2.13 -8.20
C VAL A 408 8.08 0.84 -8.45
N LYS A 409 7.76 0.16 -9.56
CA LYS A 409 8.43 -1.09 -9.89
C LYS A 409 9.92 -0.90 -10.09
N GLU A 410 10.31 0.12 -10.87
CA GLU A 410 11.73 0.31 -11.13
C GLU A 410 12.47 0.80 -9.89
N TYR A 411 11.81 1.55 -9.01
CA TYR A 411 12.44 1.87 -7.73
C TYR A 411 12.67 0.61 -6.91
N ILE A 412 11.69 -0.30 -6.89
CA ILE A 412 11.82 -1.51 -6.08
C ILE A 412 12.89 -2.44 -6.65
N GLU A 413 13.01 -2.51 -7.99
CA GLU A 413 13.97 -3.41 -8.60
C GLU A 413 15.39 -3.16 -8.12
N ASP A 414 15.76 -1.91 -7.90
CA ASP A 414 17.04 -1.58 -7.28
C ASP A 414 16.89 -0.33 -6.44
N PRO A 415 17.08 -0.42 -5.12
CA PRO A 415 16.92 0.76 -4.27
C PRO A 415 17.89 1.89 -4.58
N ARG A 416 18.97 1.62 -5.33
CA ARG A 416 19.87 2.69 -5.73
C ARG A 416 19.13 3.77 -6.51
N LYS A 417 18.15 3.40 -7.32
CA LYS A 417 17.34 4.40 -8.00
C LYS A 417 16.52 5.21 -7.02
N MET A 418 15.95 4.57 -6.00
CA MET A 418 15.25 5.28 -4.94
C MET A 418 16.16 6.22 -4.18
N LEU A 419 17.46 5.93 -4.15
CA LEU A 419 18.42 6.80 -3.49
C LEU A 419 18.49 8.19 -4.13
N LEU A 420 18.13 8.30 -5.40
CA LEU A 420 18.13 9.60 -6.07
C LEU A 420 16.89 10.41 -5.68
#